data_3NHF
#
_entry.id   3NHF
#
_cell.length_a   56.655
_cell.length_b   83.925
_cell.length_c   106.465
_cell.angle_alpha   90.000
_cell.angle_beta   90.000
_cell.angle_gamma   90.000
#
_symmetry.space_group_name_H-M   'P 21 21 21'
#
loop_
_entity.id
_entity.type
_entity.pdbx_description
1 polymer 'Ribosyldihydronicotinamide dehydrogenase [quinone]'
2 non-polymer 'ZINC ION'
3 non-polymer 5,6,8-trimethoxy-4-methylquinolin-2(1H)-one
4 non-polymer 'FLAVIN-ADENINE DINUCLEOTIDE'
5 water water
#
_entity_poly.entity_id   1
_entity_poly.type   'polypeptide(L)'
_entity_poly.pdbx_seq_one_letter_code
;AGKKVLIVYAHQEPKSFNGSLKNVAVDELSRQGCTVTVSDLYAMNFEPRATDKDITGTLSNPEVFNYGVETHEAYKQRSL
ASDITDEQKKVREADLVIFQFPLYWFSVPAILKGWMDRVLCQGFAFDIPGFYDSGLLQGKLALLSVTTGGTAEMYTKTGV
NGDSRYFLWPLQHGTLHFCGFKVLAPQISFAPEIASEEERKGMVAAWSQRLQTIWKEEPIPCTAHWHFGQ
;
_entity_poly.pdbx_strand_id   A,B
#
loop_
_chem_comp.id
_chem_comp.type
_chem_comp.name
_chem_comp.formula
FAD non-polymer 'FLAVIN-ADENINE DINUCLEOTIDE' 'C27 H33 N9 O15 P2'
VVV non-polymer 5,6,8-trimethoxy-4-methylquinolin-2(1H)-one 'C13 H15 N O4'
ZN non-polymer 'ZINC ION' 'Zn 2'
#
# COMPACT_ATOMS: atom_id res chain seq x y z
N ALA A 1 -19.35 21.72 21.84
CA ALA A 1 -18.59 22.35 20.70
C ALA A 1 -18.68 21.48 19.42
N GLY A 2 -19.27 20.27 19.56
CA GLY A 2 -19.58 19.39 18.41
C GLY A 2 -18.29 18.77 17.89
N LYS A 3 -18.38 17.71 17.12
CA LYS A 3 -17.17 17.10 16.57
C LYS A 3 -17.42 16.84 15.07
N LYS A 4 -16.36 16.92 14.26
CA LYS A 4 -16.43 16.62 12.87
C LYS A 4 -15.68 15.29 12.61
N VAL A 5 -16.31 14.41 11.84
CA VAL A 5 -15.80 13.12 11.44
C VAL A 5 -15.74 13.06 9.89
N LEU A 6 -14.58 12.65 9.39
CA LEU A 6 -14.39 12.31 7.97
C LEU A 6 -14.27 10.76 7.89
N ILE A 7 -15.08 10.14 7.04
CA ILE A 7 -14.90 8.72 6.74
C ILE A 7 -14.33 8.67 5.33
N VAL A 8 -13.13 8.12 5.23
CA VAL A 8 -12.54 7.86 3.89
C VAL A 8 -12.83 6.41 3.55
N TYR A 9 -13.61 6.22 2.51
CA TYR A 9 -14.21 4.91 2.29
C TYR A 9 -13.79 4.35 0.92
N ALA A 10 -13.38 3.07 0.90
CA ALA A 10 -12.80 2.48 -0.33
C ALA A 10 -13.42 1.11 -0.61
N HIS A 11 -14.62 1.15 -1.14
CA HIS A 11 -15.22 -0.04 -1.62
C HIS A 11 -16.07 0.30 -2.88
N GLN A 12 -15.97 -0.58 -3.89
CA GLN A 12 -16.68 -0.35 -5.16
C GLN A 12 -18.20 -0.54 -5.11
N GLU A 13 -18.68 -1.31 -4.13
CA GLU A 13 -20.08 -1.79 -4.10
C GLU A 13 -20.89 -1.25 -2.87
N PRO A 14 -21.88 -0.37 -3.13
CA PRO A 14 -22.66 0.21 -2.01
C PRO A 14 -23.37 -0.92 -1.17
N LYS A 15 -23.71 -2.05 -1.78
CA LYS A 15 -24.34 -3.18 -0.96
C LYS A 15 -23.38 -4.08 -0.23
N SER A 16 -22.10 -3.70 -0.22
CA SER A 16 -21.08 -4.56 0.39
C SER A 16 -21.09 -4.46 1.86
N PHE A 17 -20.32 -5.33 2.49
CA PHE A 17 -20.16 -5.30 3.94
C PHE A 17 -19.47 -4.03 4.40
N ASN A 18 -18.43 -3.62 3.65
CA ASN A 18 -17.79 -2.34 3.87
C ASN A 18 -18.80 -1.20 3.75
N GLY A 19 -19.62 -1.21 2.70
CA GLY A 19 -20.69 -0.20 2.58
C GLY A 19 -21.61 -0.22 3.81
N SER A 20 -21.95 -1.39 4.33
CA SER A 20 -22.83 -1.44 5.55
C SER A 20 -22.13 -0.85 6.71
N LEU A 21 -20.83 -1.14 6.83
CA LEU A 21 -20.11 -0.57 7.94
C LEU A 21 -19.96 0.91 7.83
N LYS A 22 -19.74 1.42 6.61
CA LYS A 22 -19.67 2.88 6.44
C LYS A 22 -21.05 3.51 6.77
N ASN A 23 -22.13 2.89 6.24
CA ASN A 23 -23.52 3.38 6.46
C ASN A 23 -23.95 3.45 7.93
N VAL A 24 -23.51 2.46 8.70
CA VAL A 24 -23.75 2.43 10.13
C VAL A 24 -22.96 3.50 10.85
N ALA A 25 -21.74 3.79 10.40
CA ALA A 25 -20.98 4.83 11.05
C ALA A 25 -21.64 6.17 10.75
N VAL A 26 -22.08 6.35 9.51
CA VAL A 26 -22.82 7.56 9.15
C VAL A 26 -24.11 7.64 10.04
N ASP A 27 -24.89 6.57 10.11
CA ASP A 27 -26.18 6.63 10.82
C ASP A 27 -25.92 6.97 12.31
N GLU A 28 -24.95 6.30 12.89
CA GLU A 28 -24.74 6.45 14.35
C GLU A 28 -24.07 7.77 14.73
N LEU A 29 -23.10 8.22 13.95
CA LEU A 29 -22.43 9.47 14.30
C LEU A 29 -23.33 10.72 14.02
N SER A 30 -24.13 10.59 12.97
CA SER A 30 -25.16 11.58 12.68
C SER A 30 -26.22 11.60 13.81
N ARG A 31 -26.71 10.41 14.27
CA ARG A 31 -27.61 10.32 15.45
C ARG A 31 -27.07 11.06 16.71
N GLN A 32 -25.76 10.98 16.96
CA GLN A 32 -25.13 11.64 18.09
C GLN A 32 -25.03 13.15 17.91
N GLY A 33 -25.25 13.68 16.71
CA GLY A 33 -25.17 15.13 16.43
C GLY A 33 -23.86 15.56 15.81
N CYS A 34 -22.97 14.59 15.53
CA CYS A 34 -21.67 14.90 14.91
C CYS A 34 -21.83 15.42 13.44
N THR A 35 -20.88 16.21 12.97
CA THR A 35 -20.80 16.63 11.57
C THR A 35 -20.09 15.49 10.84
N VAL A 36 -20.72 14.91 9.83
CA VAL A 36 -20.12 13.75 9.18
C VAL A 36 -19.95 14.06 7.67
N THR A 37 -18.75 13.78 7.12
CA THR A 37 -18.49 13.88 5.70
C THR A 37 -17.87 12.56 5.25
N VAL A 38 -18.22 12.07 4.05
CA VAL A 38 -17.66 10.78 3.54
C VAL A 38 -16.92 11.10 2.23
N SER A 39 -15.67 10.63 2.14
CA SER A 39 -14.97 10.57 0.83
C SER A 39 -15.10 9.16 0.23
N ASP A 40 -16.04 9.00 -0.72
CA ASP A 40 -16.30 7.69 -1.33
C ASP A 40 -15.35 7.62 -2.54
N LEU A 41 -14.12 7.13 -2.29
CA LEU A 41 -13.08 7.20 -3.30
C LEU A 41 -13.45 6.61 -4.67
N TYR A 42 -14.03 5.40 -4.68
CA TYR A 42 -14.32 4.84 -5.98
C TYR A 42 -15.39 5.66 -6.72
N ALA A 43 -16.44 6.07 -6.01
CA ALA A 43 -17.48 6.92 -6.61
C ALA A 43 -16.93 8.25 -7.11
N MET A 44 -15.89 8.75 -6.47
CA MET A 44 -15.24 9.98 -6.91
C MET A 44 -14.25 9.69 -8.05
N ASN A 45 -14.11 8.41 -8.45
CA ASN A 45 -12.97 8.03 -9.29
C ASN A 45 -11.63 8.72 -8.89
N PHE A 46 -11.36 8.75 -7.58
CA PHE A 46 -10.19 9.36 -7.00
C PHE A 46 -8.87 8.91 -7.69
N GLU A 47 -8.07 9.88 -8.12
CA GLU A 47 -6.76 9.64 -8.75
C GLU A 47 -5.72 9.05 -7.76
N PRO A 48 -5.24 7.81 -7.97
CA PRO A 48 -4.26 7.32 -6.99
C PRO A 48 -2.82 7.65 -7.33
N ARG A 49 -2.55 8.02 -8.57
CA ARG A 49 -1.15 8.18 -8.95
C ARG A 49 -0.56 9.52 -8.53
N ALA A 50 0.67 9.47 -8.04
CA ALA A 50 1.43 10.67 -7.69
C ALA A 50 2.07 11.14 -8.98
N THR A 51 1.52 12.17 -9.62
CA THR A 51 2.15 12.69 -10.86
C THR A 51 2.26 14.18 -10.85
N ASP A 52 2.92 14.74 -11.88
CA ASP A 52 3.03 16.19 -12.05
C ASP A 52 1.71 16.94 -12.34
N LYS A 53 0.63 16.24 -12.69
CA LYS A 53 -0.68 16.83 -12.75
C LYS A 53 -1.12 17.35 -11.40
N ASP A 54 -0.48 16.89 -10.30
CA ASP A 54 -0.90 17.25 -8.93
C ASP A 54 -0.49 18.68 -8.55
N ILE A 55 0.28 19.29 -9.45
CA ILE A 55 0.70 20.66 -9.28
C ILE A 55 0.15 21.43 -10.47
N THR A 56 -0.51 22.55 -10.16
CA THR A 56 -1.08 23.43 -11.20
C THR A 56 -0.07 24.57 -11.47
N GLY A 57 -0.16 25.18 -12.66
CA GLY A 57 0.78 26.23 -13.06
C GLY A 57 2.19 25.65 -13.13
N THR A 58 3.21 26.42 -12.76
CA THR A 58 4.53 26.01 -13.22
C THR A 58 5.43 25.39 -12.16
N LEU A 59 6.07 24.29 -12.55
CA LEU A 59 6.83 23.51 -11.63
C LEU A 59 8.04 24.25 -11.05
N SER A 60 8.37 23.85 -9.84
CA SER A 60 9.50 24.37 -9.13
C SER A 60 10.83 24.03 -9.85
N ASN A 61 10.93 22.81 -10.39
CA ASN A 61 12.03 22.42 -11.29
C ASN A 61 11.52 21.52 -12.43
N PRO A 62 11.20 22.12 -13.57
CA PRO A 62 10.63 21.38 -14.70
C PRO A 62 11.68 20.52 -15.46
N GLU A 63 12.95 20.53 -15.01
CA GLU A 63 13.96 19.69 -15.67
C GLU A 63 13.91 18.26 -15.14
N VAL A 64 13.96 18.15 -13.81
CA VAL A 64 13.93 16.91 -13.03
C VAL A 64 12.71 17.03 -12.10
N PHE A 65 11.78 16.07 -12.19
CA PHE A 65 10.55 16.08 -11.38
C PHE A 65 10.74 15.26 -10.09
N ASN A 66 10.61 15.89 -8.93
CA ASN A 66 10.70 15.25 -7.60
C ASN A 66 9.32 15.44 -6.98
N TYR A 67 8.52 14.38 -6.86
CA TYR A 67 7.14 14.56 -6.39
C TYR A 67 7.06 15.25 -5.01
N GLY A 68 7.88 14.77 -4.07
CA GLY A 68 7.87 15.24 -2.67
C GLY A 68 8.14 16.73 -2.60
N VAL A 69 9.17 17.17 -3.32
CA VAL A 69 9.57 18.57 -3.24
C VAL A 69 8.53 19.43 -3.90
N GLU A 70 8.05 19.00 -5.05
CA GLU A 70 7.14 19.80 -5.83
C GLU A 70 5.74 19.96 -5.20
N THR A 71 5.31 18.94 -4.47
CA THR A 71 4.07 18.98 -3.71
C THR A 71 4.23 19.79 -2.44
N HIS A 72 5.40 19.74 -1.80
CA HIS A 72 5.70 20.61 -0.66
C HIS A 72 5.58 22.09 -1.03
N GLU A 73 6.25 22.48 -2.12
CA GLU A 73 6.30 23.84 -2.58
C GLU A 73 4.96 24.26 -3.09
N ALA A 74 4.26 23.33 -3.75
CA ALA A 74 2.89 23.58 -4.23
C ALA A 74 1.93 23.84 -3.05
N TYR A 75 2.10 23.10 -1.96
CA TYR A 75 1.26 23.30 -0.80
C TYR A 75 1.47 24.72 -0.24
N LYS A 76 2.75 25.10 -0.08
CA LYS A 76 3.17 26.37 0.45
C LYS A 76 2.64 27.47 -0.44
N GLN A 77 2.69 27.26 -1.76
N GLN A 77 2.72 27.31 -1.77
CA GLN A 77 2.26 28.28 -2.73
CA GLN A 77 2.24 28.34 -2.70
C GLN A 77 0.81 28.16 -3.15
C GLN A 77 0.80 28.17 -3.14
N ARG A 78 0.01 27.38 -2.40
CA ARG A 78 -1.43 27.17 -2.74
C ARG A 78 -1.62 26.76 -4.20
N SER A 79 -0.76 25.87 -4.70
CA SER A 79 -0.75 25.51 -6.10
C SER A 79 -1.02 24.00 -6.41
N LEU A 80 -1.63 23.26 -5.45
CA LEU A 80 -1.98 21.85 -5.61
C LEU A 80 -3.26 21.70 -6.39
N ALA A 81 -3.46 20.54 -7.04
CA ALA A 81 -4.70 20.17 -7.74
C ALA A 81 -5.89 20.19 -6.75
N SER A 82 -7.07 20.52 -7.24
CA SER A 82 -8.19 20.74 -6.35
C SER A 82 -8.72 19.43 -5.73
N ASP A 83 -8.53 18.29 -6.38
CA ASP A 83 -8.91 17.05 -5.71
C ASP A 83 -8.16 16.84 -4.39
N ILE A 84 -6.88 17.20 -4.40
CA ILE A 84 -6.02 17.09 -3.23
C ILE A 84 -6.44 18.10 -2.16
N THR A 85 -6.67 19.33 -2.56
CA THR A 85 -7.00 20.30 -1.51
C THR A 85 -8.40 20.13 -0.98
N ASP A 86 -9.32 19.70 -1.83
CA ASP A 86 -10.66 19.34 -1.32
C ASP A 86 -10.50 18.32 -0.20
N GLU A 87 -9.62 17.33 -0.36
CA GLU A 87 -9.43 16.35 0.69
C GLU A 87 -8.73 16.94 1.94
N GLN A 88 -7.72 17.74 1.71
CA GLN A 88 -7.02 18.37 2.85
C GLN A 88 -7.94 19.31 3.67
N LYS A 89 -8.82 20.04 2.99
CA LYS A 89 -9.83 20.78 3.77
C LYS A 89 -10.73 19.90 4.66
N LYS A 90 -11.15 18.72 4.18
CA LYS A 90 -11.96 17.81 5.01
C LYS A 90 -11.12 17.24 6.20
N VAL A 91 -9.83 17.03 5.93
CA VAL A 91 -9.01 16.43 6.97
C VAL A 91 -8.73 17.52 8.04
N ARG A 92 -8.36 18.71 7.58
CA ARG A 92 -8.07 19.89 8.44
C ARG A 92 -9.19 20.14 9.43
N GLU A 93 -10.42 20.08 8.93
CA GLU A 93 -11.60 20.33 9.77
C GLU A 93 -12.04 19.09 10.60
N ALA A 94 -11.52 17.89 10.29
CA ALA A 94 -12.00 16.69 11.00
C ALA A 94 -11.42 16.59 12.43
N ASP A 95 -12.23 16.11 13.39
CA ASP A 95 -11.66 15.74 14.70
C ASP A 95 -11.23 14.30 14.67
N LEU A 96 -11.96 13.51 13.87
CA LEU A 96 -11.68 12.06 13.75
C LEU A 96 -11.72 11.67 12.28
N VAL A 97 -10.74 10.86 11.84
CA VAL A 97 -10.81 10.29 10.49
C VAL A 97 -10.88 8.81 10.60
N ILE A 98 -11.95 8.21 10.07
CA ILE A 98 -12.14 6.78 9.98
C ILE A 98 -11.85 6.36 8.50
N PHE A 99 -11.01 5.36 8.33
CA PHE A 99 -10.72 4.75 7.02
C PHE A 99 -11.46 3.44 7.02
N GLN A 100 -12.35 3.25 6.03
CA GLN A 100 -13.16 2.04 6.01
C GLN A 100 -12.74 1.33 4.71
N PHE A 101 -12.13 0.14 4.81
CA PHE A 101 -11.62 -0.52 3.60
C PHE A 101 -11.49 -2.04 3.83
N PRO A 102 -11.59 -2.82 2.75
CA PRO A 102 -11.14 -4.22 2.83
C PRO A 102 -9.61 -4.29 2.73
N LEU A 103 -9.02 -5.21 3.46
CA LEU A 103 -7.58 -5.43 3.42
C LEU A 103 -7.23 -6.01 2.03
N TYR A 104 -6.31 -5.32 1.33
CA TYR A 104 -5.76 -5.78 0.04
C TYR A 104 -4.27 -5.95 0.24
N TRP A 105 -3.85 -7.22 0.15
CA TRP A 105 -2.44 -7.54 0.29
C TRP A 105 -1.80 -6.91 1.55
N PHE A 106 -2.42 -7.21 2.68
CA PHE A 106 -1.97 -6.81 4.01
C PHE A 106 -1.90 -5.27 4.06
N SER A 107 -2.71 -4.58 3.26
CA SER A 107 -2.61 -3.12 3.25
C SER A 107 -3.95 -2.50 2.76
N VAL A 108 -3.92 -1.21 2.36
CA VAL A 108 -5.14 -0.54 1.90
C VAL A 108 -5.25 -0.80 0.38
N PRO A 109 -6.47 -0.81 -0.18
CA PRO A 109 -6.53 -0.81 -1.66
C PRO A 109 -5.76 0.36 -2.26
N ALA A 110 -5.22 0.16 -3.44
CA ALA A 110 -4.39 1.18 -4.06
C ALA A 110 -5.14 2.53 -4.17
N ILE A 111 -6.46 2.54 -4.35
CA ILE A 111 -7.10 3.85 -4.48
C ILE A 111 -6.93 4.63 -3.16
N LEU A 112 -7.01 3.92 -2.02
CA LEU A 112 -6.88 4.57 -0.73
C LEU A 112 -5.37 4.80 -0.46
N LYS A 113 -4.48 3.93 -0.96
CA LYS A 113 -3.00 4.25 -0.81
C LYS A 113 -2.71 5.57 -1.53
N GLY A 114 -3.36 5.76 -2.69
CA GLY A 114 -3.12 6.97 -3.45
C GLY A 114 -3.64 8.21 -2.70
N TRP A 115 -4.75 8.08 -1.99
CA TRP A 115 -5.22 9.17 -1.14
C TRP A 115 -4.16 9.53 -0.11
N MET A 116 -3.57 8.53 0.57
N MET A 116 -3.63 8.50 0.55
CA MET A 116 -2.59 8.86 1.60
CA MET A 116 -2.56 8.63 1.54
C MET A 116 -1.33 9.47 0.93
C MET A 116 -1.41 9.43 0.92
N ASP A 117 -0.93 8.92 -0.22
CA ASP A 117 0.27 9.43 -0.90
C ASP A 117 0.08 10.90 -1.29
N ARG A 118 -1.09 11.21 -1.83
CA ARG A 118 -1.32 12.53 -2.46
C ARG A 118 -1.88 13.57 -1.49
N VAL A 119 -2.72 13.13 -0.54
CA VAL A 119 -3.34 14.09 0.35
C VAL A 119 -2.40 14.53 1.50
N LEU A 120 -1.62 13.59 2.03
CA LEU A 120 -0.84 13.83 3.22
C LEU A 120 0.55 14.35 2.83
N CYS A 121 0.56 15.54 2.21
CA CYS A 121 1.79 16.09 1.66
C CYS A 121 2.58 16.84 2.75
N GLN A 122 3.90 17.00 2.51
CA GLN A 122 4.78 17.79 3.40
C GLN A 122 4.26 19.23 3.46
N GLY A 123 4.21 19.78 4.67
CA GLY A 123 3.63 21.14 4.84
C GLY A 123 2.20 21.03 5.30
N PHE A 124 1.45 20.04 4.77
CA PHE A 124 0.12 19.74 5.30
C PHE A 124 0.16 18.80 6.49
N ALA A 125 0.69 17.59 6.27
CA ALA A 125 0.56 16.52 7.25
C ALA A 125 1.78 16.40 8.16
N PHE A 126 2.92 16.85 7.66
CA PHE A 126 4.17 16.74 8.40
C PHE A 126 5.20 17.72 7.81
N ASP A 127 6.19 18.08 8.62
CA ASP A 127 7.51 18.43 8.08
C ASP A 127 8.60 18.24 9.15
N ILE A 128 9.77 18.86 8.93
CA ILE A 128 10.95 18.38 9.67
C ILE A 128 10.68 18.42 11.16
N PRO A 129 10.40 19.62 11.77
CA PRO A 129 9.82 19.31 13.07
C PRO A 129 8.32 19.02 12.72
N GLY A 130 7.66 18.19 13.51
CA GLY A 130 6.24 17.92 13.21
C GLY A 130 6.13 16.61 12.47
N PHE A 131 6.64 15.57 13.13
CA PHE A 131 6.42 14.20 12.71
C PHE A 131 6.31 13.30 13.97
N TYR A 132 5.68 12.16 13.79
CA TYR A 132 5.31 11.32 14.90
C TYR A 132 4.59 12.20 15.93
N ASP A 133 4.92 12.06 17.21
CA ASP A 133 4.29 12.86 18.29
C ASP A 133 4.04 14.33 17.96
N SER A 134 4.97 14.96 17.23
CA SER A 134 4.84 16.35 16.83
C SER A 134 4.17 16.65 15.45
N GLY A 135 3.87 15.64 14.61
CA GLY A 135 3.25 15.83 13.26
C GLY A 135 2.13 16.84 13.15
N LEU A 136 1.90 17.37 11.94
CA LEU A 136 1.04 18.52 11.80
C LEU A 136 -0.45 18.30 12.07
N LEU A 137 -0.89 17.04 12.08
CA LEU A 137 -2.27 16.66 12.39
C LEU A 137 -2.48 16.32 13.90
N GLN A 138 -1.55 16.71 14.80
CA GLN A 138 -1.70 16.42 16.26
C GLN A 138 -3.04 16.88 16.76
N GLY A 139 -3.64 16.12 17.65
CA GLY A 139 -4.96 16.53 18.17
C GLY A 139 -6.10 15.77 17.54
N LYS A 140 -5.84 15.15 16.39
CA LYS A 140 -6.88 14.43 15.65
C LYS A 140 -6.81 12.98 15.95
N LEU A 141 -7.94 12.33 15.88
CA LEU A 141 -7.99 10.91 16.07
C LEU A 141 -8.08 10.23 14.71
N ALA A 142 -7.47 9.08 14.55
CA ALA A 142 -7.67 8.30 13.31
C ALA A 142 -7.92 6.90 13.76
N LEU A 143 -8.63 6.15 12.93
CA LEU A 143 -9.09 4.84 13.23
C LEU A 143 -9.20 4.02 11.93
N LEU A 144 -8.52 2.86 11.88
CA LEU A 144 -8.75 1.91 10.76
C LEU A 144 -9.87 0.93 11.06
N SER A 145 -10.88 0.88 10.20
CA SER A 145 -11.89 -0.11 10.23
C SER A 145 -11.74 -1.02 9.00
N VAL A 146 -11.16 -2.22 9.21
CA VAL A 146 -10.72 -3.10 8.13
C VAL A 146 -11.58 -4.38 8.10
N THR A 147 -11.90 -4.88 6.90
CA THR A 147 -12.56 -6.16 6.77
C THR A 147 -11.44 -7.09 6.16
N THR A 148 -11.50 -8.38 6.46
CA THR A 148 -10.47 -9.30 5.95
C THR A 148 -11.12 -10.45 5.23
N GLY A 149 -10.36 -11.12 4.37
CA GLY A 149 -10.76 -12.43 3.88
C GLY A 149 -10.47 -13.53 4.92
N GLY A 150 -9.34 -13.40 5.60
CA GLY A 150 -8.89 -14.39 6.60
C GLY A 150 -9.68 -14.35 7.91
N THR A 151 -10.07 -15.52 8.43
CA THR A 151 -10.65 -15.64 9.81
C THR A 151 -9.65 -15.17 10.88
N ALA A 152 -10.16 -14.78 12.05
CA ALA A 152 -9.35 -14.26 13.13
C ALA A 152 -8.19 -15.18 13.54
N GLU A 153 -8.42 -16.50 13.47
CA GLU A 153 -7.36 -17.46 13.80
C GLU A 153 -6.12 -17.32 12.89
N MET A 154 -6.32 -17.13 11.58
CA MET A 154 -5.18 -16.97 10.63
C MET A 154 -4.27 -15.78 10.97
N TYR A 155 -4.84 -14.78 11.66
CA TYR A 155 -4.13 -13.58 12.07
C TYR A 155 -3.58 -13.59 13.52
N THR A 156 -3.09 -14.74 13.96
CA THR A 156 -2.36 -14.85 15.25
C THR A 156 -0.89 -15.06 14.99
N LYS A 157 -0.04 -14.74 15.98
CA LYS A 157 1.43 -14.63 15.83
C LYS A 157 2.13 -15.82 15.18
N THR A 158 1.60 -17.01 15.45
CA THR A 158 2.21 -18.24 14.97
C THR A 158 1.33 -18.84 13.89
N GLY A 159 0.22 -18.15 13.57
CA GLY A 159 -0.59 -18.45 12.38
C GLY A 159 0.15 -18.11 11.08
N VAL A 160 -0.41 -18.58 9.97
CA VAL A 160 0.14 -18.37 8.61
C VAL A 160 0.41 -16.88 8.22
N ASN A 161 -0.59 -16.04 8.51
CA ASN A 161 -0.51 -14.62 8.19
C ASN A 161 0.26 -13.81 9.19
N GLY A 162 0.62 -14.41 10.34
CA GLY A 162 1.21 -13.63 11.41
C GLY A 162 0.13 -12.77 12.08
N ASP A 163 0.55 -11.96 13.07
CA ASP A 163 -0.39 -11.14 13.91
C ASP A 163 -0.98 -10.00 13.06
N SER A 164 -2.32 -9.82 13.12
CA SER A 164 -2.96 -8.58 12.65
C SER A 164 -2.12 -7.37 12.84
N ARG A 165 -1.55 -7.20 14.03
CA ARG A 165 -0.81 -6.00 14.30
C ARG A 165 0.44 -5.84 13.44
N TYR A 166 0.92 -6.95 12.89
CA TYR A 166 2.12 -6.87 12.06
C TYR A 166 1.83 -6.00 10.82
N PHE A 167 0.68 -6.21 10.19
CA PHE A 167 0.38 -5.44 8.95
C PHE A 167 -0.09 -4.01 9.25
N LEU A 168 -0.50 -3.79 10.51
CA LEU A 168 -0.99 -2.49 10.90
C LEU A 168 0.11 -1.44 10.94
N TRP A 169 1.35 -1.89 11.13
CA TRP A 169 2.46 -0.97 11.35
C TRP A 169 2.66 0.09 10.29
N PRO A 170 2.71 -0.31 9.01
CA PRO A 170 2.90 0.80 8.04
C PRO A 170 1.72 1.78 8.02
N LEU A 171 0.53 1.34 8.35
CA LEU A 171 -0.62 2.29 8.27
C LEU A 171 -0.73 3.12 9.56
N GLN A 172 -0.79 2.42 10.70
CA GLN A 172 -0.92 3.12 12.01
C GLN A 172 0.31 3.97 12.33
N HIS A 173 1.51 3.38 12.18
CA HIS A 173 2.70 4.06 12.68
C HIS A 173 3.35 4.84 11.57
N GLY A 174 3.74 4.13 10.50
CA GLY A 174 4.45 4.77 9.41
C GLY A 174 3.66 5.93 8.81
N THR A 175 2.32 5.85 8.83
CA THR A 175 1.48 6.86 8.19
C THR A 175 0.71 7.72 9.22
N LEU A 176 -0.23 7.14 9.97
CA LEU A 176 -1.11 7.98 10.83
C LEU A 176 -0.35 8.62 11.99
N HIS A 177 0.35 7.81 12.76
CA HIS A 177 1.20 8.37 13.81
C HIS A 177 2.24 9.37 13.25
N PHE A 178 2.91 9.06 12.15
CA PHE A 178 3.86 9.99 11.59
C PHE A 178 3.29 11.37 11.41
N CYS A 179 2.04 11.46 10.94
CA CYS A 179 1.38 12.76 10.67
C CYS A 179 0.83 13.46 11.97
N GLY A 180 1.02 12.86 13.15
CA GLY A 180 0.48 13.46 14.40
C GLY A 180 -0.81 12.86 14.94
N PHE A 181 -1.51 12.00 14.17
CA PHE A 181 -2.75 11.42 14.67
C PHE A 181 -2.54 10.60 15.96
N LYS A 182 -3.51 10.65 16.84
CA LYS A 182 -3.62 9.64 17.85
C LYS A 182 -4.48 8.58 17.23
N VAL A 183 -4.11 7.32 17.43
CA VAL A 183 -4.71 6.24 16.70
C VAL A 183 -5.57 5.45 17.66
N LEU A 184 -6.87 5.37 17.41
CA LEU A 184 -7.72 4.48 18.19
C LEU A 184 -7.45 3.04 17.77
N ALA A 185 -7.81 2.09 18.63
CA ALA A 185 -7.69 0.67 18.25
C ALA A 185 -8.44 0.40 16.95
N PRO A 186 -7.83 -0.39 16.05
CA PRO A 186 -8.40 -0.72 14.75
C PRO A 186 -9.70 -1.48 14.97
N GLN A 187 -10.67 -1.26 14.13
CA GLN A 187 -11.83 -2.12 14.17
C GLN A 187 -11.56 -3.15 13.12
N ILE A 188 -11.50 -4.43 13.47
CA ILE A 188 -11.27 -5.45 12.44
C ILE A 188 -12.42 -6.40 12.29
N SER A 189 -13.10 -6.38 11.15
CA SER A 189 -14.18 -7.27 10.99
C SER A 189 -13.73 -8.45 10.16
N PHE A 190 -13.50 -9.58 10.84
CA PHE A 190 -12.88 -10.77 10.19
C PHE A 190 -13.80 -11.56 9.33
N ALA A 191 -13.43 -11.74 8.06
CA ALA A 191 -14.04 -12.78 7.20
C ALA A 191 -15.56 -12.71 7.03
N PRO A 192 -16.09 -11.50 6.72
CA PRO A 192 -17.54 -11.45 6.49
C PRO A 192 -18.10 -12.40 5.41
N GLU A 193 -17.29 -12.80 4.43
CA GLU A 193 -17.86 -13.53 3.29
C GLU A 193 -18.25 -14.99 3.62
N ILE A 194 -17.51 -15.59 4.55
CA ILE A 194 -17.82 -16.94 4.97
C ILE A 194 -18.68 -16.84 6.23
N ALA A 195 -19.44 -15.73 6.19
CA ALA A 195 -20.72 -15.43 6.91
C ALA A 195 -20.60 -15.70 8.37
N SER A 196 -21.66 -16.15 9.07
CA SER A 196 -23.05 -16.27 8.54
C SER A 196 -23.83 -14.92 8.43
N GLU A 197 -24.95 -14.96 7.71
CA GLU A 197 -26.01 -13.93 7.75
C GLU A 197 -26.21 -13.22 9.10
N GLU A 198 -26.49 -14.00 10.15
CA GLU A 198 -26.69 -13.45 11.49
C GLU A 198 -25.37 -12.93 12.02
N GLU A 199 -24.29 -13.65 11.74
CA GLU A 199 -22.96 -13.25 12.21
C GLU A 199 -22.41 -11.95 11.52
N ARG A 200 -22.77 -11.75 10.25
CA ARG A 200 -22.56 -10.49 9.56
C ARG A 200 -23.37 -9.36 10.24
N LYS A 201 -24.70 -9.54 10.39
CA LYS A 201 -25.54 -8.59 11.18
C LYS A 201 -24.90 -8.23 12.53
N GLY A 202 -24.29 -9.22 13.17
CA GLY A 202 -23.66 -9.02 14.47
C GLY A 202 -22.41 -8.18 14.44
N MET A 203 -21.64 -8.28 13.36
CA MET A 203 -20.39 -7.49 13.32
C MET A 203 -20.76 -6.02 13.01
N VAL A 204 -21.78 -5.82 12.18
CA VAL A 204 -22.22 -4.48 11.83
C VAL A 204 -22.78 -3.81 13.09
N ALA A 205 -23.61 -4.56 13.83
CA ALA A 205 -24.11 -4.13 15.15
C ALA A 205 -22.99 -3.76 16.12
N ALA A 206 -21.93 -4.58 16.24
CA ALA A 206 -20.86 -4.26 17.21
C ALA A 206 -20.05 -2.95 16.97
N TRP A 207 -19.91 -2.60 15.68
CA TRP A 207 -19.18 -1.40 15.22
C TRP A 207 -20.03 -0.20 15.61
N SER A 208 -21.34 -0.35 15.41
CA SER A 208 -22.31 0.71 15.66
C SER A 208 -22.28 0.99 17.15
N GLN A 209 -22.46 -0.08 17.93
CA GLN A 209 -22.23 -0.07 19.36
C GLN A 209 -20.95 0.57 19.81
N ARG A 210 -19.81 0.20 19.26
CA ARG A 210 -18.58 0.86 19.67
C ARG A 210 -18.58 2.37 19.38
N LEU A 211 -19.15 2.75 18.23
CA LEU A 211 -19.22 4.17 17.85
C LEU A 211 -19.98 5.02 18.89
N GLN A 212 -20.98 4.41 19.52
CA GLN A 212 -21.60 5.06 20.70
C GLN A 212 -20.66 5.74 21.66
N THR A 213 -19.56 5.06 22.03
CA THR A 213 -18.64 5.64 23.02
C THR A 213 -17.26 5.96 22.46
N ILE A 214 -17.21 6.20 21.15
CA ILE A 214 -15.91 6.39 20.48
C ILE A 214 -15.11 7.53 21.09
N TRP A 215 -15.81 8.60 21.48
CA TRP A 215 -15.20 9.83 22.05
C TRP A 215 -14.70 9.61 23.50
N LYS A 216 -15.10 8.53 24.14
CA LYS A 216 -14.57 8.16 25.47
C LYS A 216 -13.20 7.43 25.37
N GLU A 217 -12.96 6.73 24.25
CA GLU A 217 -11.73 5.96 24.07
C GLU A 217 -10.40 6.69 24.23
N GLU A 218 -9.40 5.98 24.75
CA GLU A 218 -7.99 6.43 24.72
C GLU A 218 -7.26 5.88 23.47
N PRO A 219 -6.36 6.68 22.86
CA PRO A 219 -5.54 6.10 21.77
C PRO A 219 -4.68 4.88 22.18
N ILE A 220 -4.34 4.02 21.21
CA ILE A 220 -3.34 2.96 21.48
C ILE A 220 -1.98 3.59 21.73
N PRO A 221 -1.06 2.90 22.43
CA PRO A 221 0.31 3.45 22.39
C PRO A 221 0.88 2.98 21.05
N CYS A 222 1.24 3.91 20.17
CA CYS A 222 1.49 3.52 18.76
C CYS A 222 2.98 3.21 18.66
N THR A 223 3.32 1.99 19.05
CA THR A 223 4.74 1.67 19.27
C THR A 223 5.13 0.38 18.61
N ALA A 224 6.40 0.22 18.32
CA ALA A 224 6.93 -1.07 17.89
C ALA A 224 6.51 -2.20 18.87
N HIS A 225 6.56 -1.88 20.17
CA HIS A 225 6.16 -2.85 21.20
C HIS A 225 4.69 -3.23 21.06
N TRP A 226 3.82 -2.22 20.89
CA TRP A 226 2.42 -2.48 20.67
C TRP A 226 2.22 -3.42 19.46
N HIS A 227 2.97 -3.21 18.38
CA HIS A 227 2.76 -3.97 17.14
C HIS A 227 3.40 -5.37 17.08
N PHE A 228 4.62 -5.47 17.58
CA PHE A 228 5.40 -6.71 17.42
C PHE A 228 5.79 -7.40 18.75
N GLY A 229 5.92 -6.61 19.83
CA GLY A 229 6.54 -7.06 21.10
C GLY A 229 5.66 -7.84 22.06
N GLN A 230 6.14 -8.04 23.30
CA GLN A 230 5.47 -8.91 24.32
C GLN A 230 5.41 -8.32 25.78
N ALA B 1 20.15 -20.44 -18.78
CA ALA B 1 19.00 -21.24 -19.33
C ALA B 1 18.21 -20.48 -20.43
N GLY B 2 18.60 -19.21 -20.69
CA GLY B 2 19.27 -18.34 -19.72
C GLY B 2 18.15 -17.97 -18.76
N LYS B 3 17.95 -16.70 -18.50
CA LYS B 3 16.89 -16.39 -17.53
C LYS B 3 16.10 -15.17 -18.04
N LYS B 4 14.82 -15.07 -17.64
CA LYS B 4 13.99 -13.90 -17.88
C LYS B 4 13.78 -13.11 -16.61
N VAL B 5 14.00 -11.80 -16.71
CA VAL B 5 13.80 -10.91 -15.63
C VAL B 5 12.71 -9.91 -16.00
N LEU B 6 11.74 -9.71 -15.08
CA LEU B 6 10.84 -8.57 -15.20
C LEU B 6 11.19 -7.53 -14.11
N ILE B 7 11.41 -6.31 -14.53
CA ILE B 7 11.50 -5.21 -13.59
C ILE B 7 10.22 -4.38 -13.58
N VAL B 8 9.54 -4.35 -12.41
CA VAL B 8 8.34 -3.51 -12.26
C VAL B 8 8.80 -2.22 -11.58
N TYR B 9 8.72 -1.13 -12.32
CA TYR B 9 9.46 0.08 -11.97
C TYR B 9 8.45 1.19 -11.72
N ALA B 10 8.53 1.90 -10.59
CA ALA B 10 7.51 2.89 -10.22
C ALA B 10 8.18 4.21 -9.80
N HIS B 11 8.60 4.98 -10.79
CA HIS B 11 9.09 6.33 -10.55
C HIS B 11 8.74 7.20 -11.78
N GLN B 12 8.45 8.47 -11.48
CA GLN B 12 7.96 9.43 -12.49
C GLN B 12 9.11 10.06 -13.35
N GLU B 13 10.32 10.02 -12.81
CA GLU B 13 11.43 10.78 -13.37
C GLU B 13 12.56 9.87 -13.78
N PRO B 14 12.80 9.80 -15.10
CA PRO B 14 13.90 8.99 -15.61
C PRO B 14 15.29 9.44 -15.10
N LYS B 15 15.49 10.71 -14.74
CA LYS B 15 16.82 11.10 -14.21
C LYS B 15 16.92 10.79 -12.74
N SER B 16 15.93 10.12 -12.17
CA SER B 16 15.93 9.91 -10.70
C SER B 16 16.90 8.85 -10.29
N PHE B 17 17.22 8.78 -8.98
CA PHE B 17 18.01 7.72 -8.42
C PHE B 17 17.34 6.33 -8.69
N ASN B 18 16.01 6.27 -8.60
CA ASN B 18 15.29 5.03 -8.99
C ASN B 18 15.53 4.72 -10.47
N GLY B 19 15.50 5.76 -11.29
CA GLY B 19 15.74 5.62 -12.69
C GLY B 19 17.10 4.97 -12.92
N SER B 20 18.10 5.46 -12.19
CA SER B 20 19.47 4.94 -12.38
C SER B 20 19.59 3.49 -11.90
N LEU B 21 18.94 3.17 -10.80
CA LEU B 21 19.00 1.82 -10.25
C LEU B 21 18.27 0.85 -11.24
N LYS B 22 17.15 1.26 -11.82
CA LYS B 22 16.51 0.44 -12.87
C LYS B 22 17.45 0.33 -14.10
N ASN B 23 18.07 1.46 -14.51
CA ASN B 23 18.92 1.38 -15.68
C ASN B 23 20.14 0.52 -15.47
N VAL B 24 20.74 0.53 -14.26
CA VAL B 24 21.88 -0.38 -14.02
C VAL B 24 21.46 -1.81 -14.00
N ALA B 25 20.25 -2.11 -13.50
CA ALA B 25 19.80 -3.50 -13.54
C ALA B 25 19.61 -3.98 -14.97
N VAL B 26 18.95 -3.15 -15.79
CA VAL B 26 18.77 -3.50 -17.20
C VAL B 26 20.16 -3.71 -17.82
N ASP B 27 21.09 -2.80 -17.59
CA ASP B 27 22.44 -2.86 -18.23
C ASP B 27 23.18 -4.13 -17.79
N GLU B 28 23.18 -4.41 -16.48
CA GLU B 28 23.96 -5.56 -15.94
C GLU B 28 23.33 -6.93 -16.33
N LEU B 29 22.00 -7.03 -16.23
CA LEU B 29 21.34 -8.24 -16.59
C LEU B 29 21.44 -8.50 -18.11
N SER B 30 21.30 -7.43 -18.87
CA SER B 30 21.49 -7.49 -20.33
C SER B 30 22.94 -7.93 -20.66
N ARG B 31 23.92 -7.32 -19.99
CA ARG B 31 25.34 -7.73 -20.14
C ARG B 31 25.52 -9.24 -19.92
N GLN B 32 24.84 -9.82 -18.91
CA GLN B 32 24.99 -11.25 -18.58
C GLN B 32 24.36 -12.12 -19.64
N GLY B 33 23.55 -11.52 -20.50
CA GLY B 33 22.83 -12.35 -21.53
C GLY B 33 21.40 -12.72 -21.10
N CYS B 34 20.92 -12.22 -19.95
CA CYS B 34 19.55 -12.45 -19.52
C CYS B 34 18.58 -11.67 -20.43
N THR B 35 17.34 -12.19 -20.51
CA THR B 35 16.25 -11.52 -21.18
C THR B 35 15.64 -10.53 -20.19
N VAL B 36 15.43 -9.29 -20.60
CA VAL B 36 15.02 -8.27 -19.65
C VAL B 36 13.79 -7.50 -20.17
N THR B 37 12.79 -7.28 -19.31
CA THR B 37 11.54 -6.54 -19.66
C THR B 37 11.31 -5.60 -18.48
N VAL B 38 10.83 -4.39 -18.76
CA VAL B 38 10.59 -3.36 -17.74
C VAL B 38 9.14 -2.90 -17.96
N SER B 39 8.36 -2.90 -16.88
CA SER B 39 7.02 -2.35 -16.86
C SER B 39 7.18 -1.05 -16.16
N ASP B 40 7.22 0.06 -16.92
CA ASP B 40 7.49 1.38 -16.36
C ASP B 40 6.10 1.99 -16.08
N LEU B 41 5.65 1.79 -14.88
CA LEU B 41 4.25 1.97 -14.56
C LEU B 41 3.72 3.38 -14.86
N TYR B 42 4.45 4.41 -14.45
CA TYR B 42 3.95 5.78 -14.66
C TYR B 42 3.90 6.09 -16.17
N ALA B 43 4.85 5.52 -16.94
CA ALA B 43 4.93 5.87 -18.34
C ALA B 43 3.82 5.14 -19.04
N MET B 44 3.45 3.94 -18.56
CA MET B 44 2.30 3.24 -19.11
C MET B 44 0.96 3.84 -18.62
N ASN B 45 0.98 4.88 -17.77
CA ASN B 45 -0.25 5.36 -17.08
C ASN B 45 -1.08 4.18 -16.51
N PHE B 46 -0.37 3.26 -15.83
CA PHE B 46 -0.93 2.04 -15.39
C PHE B 46 -2.11 2.31 -14.42
N GLU B 47 -3.24 1.61 -14.66
CA GLU B 47 -4.48 1.86 -13.90
C GLU B 47 -4.33 1.21 -12.49
N PRO B 48 -4.31 2.02 -11.42
CA PRO B 48 -4.16 1.38 -10.11
C PRO B 48 -5.47 0.90 -9.47
N ARG B 49 -6.64 1.40 -9.90
CA ARG B 49 -7.89 1.16 -9.21
C ARG B 49 -8.47 -0.19 -9.59
N ALA B 50 -8.89 -0.93 -8.57
CA ALA B 50 -9.59 -2.20 -8.75
C ALA B 50 -11.08 -1.90 -9.00
N THR B 51 -11.51 -2.01 -10.26
CA THR B 51 -12.91 -1.65 -10.59
C THR B 51 -13.54 -2.71 -11.47
N ASP B 52 -14.85 -2.56 -11.69
CA ASP B 52 -15.61 -3.41 -12.56
C ASP B 52 -15.21 -3.25 -14.03
N LYS B 53 -14.41 -2.24 -14.36
CA LYS B 53 -13.84 -2.15 -15.71
C LYS B 53 -12.78 -3.21 -15.97
N ASP B 54 -12.34 -3.90 -14.93
CA ASP B 54 -11.28 -4.93 -15.10
C ASP B 54 -11.84 -6.27 -15.57
N ILE B 55 -13.16 -6.37 -15.60
CA ILE B 55 -13.83 -7.53 -16.16
C ILE B 55 -14.71 -7.10 -17.33
N THR B 56 -14.59 -7.80 -18.47
CA THR B 56 -15.42 -7.45 -19.64
C THR B 56 -16.58 -8.43 -19.92
N GLY B 57 -16.61 -9.57 -19.23
CA GLY B 57 -17.64 -10.58 -19.53
C GLY B 57 -18.86 -10.41 -18.65
N THR B 58 -19.85 -11.24 -18.88
CA THR B 58 -20.99 -11.34 -18.01
C THR B 58 -20.51 -11.58 -16.57
N LEU B 59 -20.94 -10.73 -15.64
CA LEU B 59 -20.42 -10.80 -14.28
C LEU B 59 -21.10 -11.95 -13.62
N SER B 60 -20.41 -12.66 -12.74
CA SER B 60 -21.01 -13.79 -12.02
C SER B 60 -22.16 -13.35 -11.10
N ASN B 61 -22.09 -12.14 -10.55
CA ASN B 61 -23.18 -11.64 -9.74
C ASN B 61 -23.27 -10.17 -10.00
N PRO B 62 -24.08 -9.81 -10.99
CA PRO B 62 -24.08 -8.42 -11.42
C PRO B 62 -24.92 -7.50 -10.50
N GLU B 63 -25.58 -8.06 -9.48
CA GLU B 63 -26.35 -7.23 -8.55
C GLU B 63 -25.45 -6.74 -7.34
N VAL B 64 -24.50 -7.59 -6.93
CA VAL B 64 -23.55 -7.24 -5.89
C VAL B 64 -22.10 -7.53 -6.40
N PHE B 65 -21.37 -6.46 -6.69
CA PHE B 65 -20.05 -6.57 -7.27
C PHE B 65 -19.02 -6.94 -6.18
N ASN B 66 -18.39 -8.10 -6.32
CA ASN B 66 -17.29 -8.51 -5.44
C ASN B 66 -16.01 -8.68 -6.33
N TYR B 67 -15.06 -7.76 -6.15
CA TYR B 67 -13.87 -7.68 -7.03
C TYR B 67 -13.06 -9.00 -7.07
N GLY B 68 -12.84 -9.64 -5.89
CA GLY B 68 -12.10 -10.91 -5.79
C GLY B 68 -12.79 -12.04 -6.62
N VAL B 69 -14.09 -12.21 -6.38
CA VAL B 69 -14.85 -13.23 -7.10
C VAL B 69 -14.85 -12.95 -8.60
N GLU B 70 -15.21 -11.76 -8.98
CA GLU B 70 -15.34 -11.43 -10.39
C GLU B 70 -13.99 -11.51 -11.17
N THR B 71 -12.87 -11.10 -10.53
CA THR B 71 -11.61 -11.25 -11.25
C THR B 71 -11.12 -12.70 -11.31
N HIS B 72 -11.40 -13.49 -10.29
CA HIS B 72 -11.07 -14.90 -10.31
C HIS B 72 -11.80 -15.67 -11.47
N GLU B 73 -13.11 -15.41 -11.61
N GLU B 73 -13.09 -15.37 -11.59
CA GLU B 73 -13.87 -16.00 -12.70
CA GLU B 73 -13.91 -15.91 -12.64
C GLU B 73 -13.50 -15.39 -14.07
C GLU B 73 -13.50 -15.39 -14.03
N ALA B 74 -13.25 -14.09 -14.13
CA ALA B 74 -12.75 -13.49 -15.38
C ALA B 74 -11.39 -14.08 -15.82
N TYR B 75 -10.52 -14.37 -14.86
CA TYR B 75 -9.26 -15.02 -15.18
C TYR B 75 -9.54 -16.40 -15.82
N LYS B 76 -10.36 -17.22 -15.16
CA LYS B 76 -10.67 -18.57 -15.72
C LYS B 76 -11.34 -18.48 -17.08
N GLN B 77 -12.13 -17.44 -17.31
CA GLN B 77 -12.91 -17.35 -18.53
C GLN B 77 -12.21 -16.57 -19.61
N ARG B 78 -11.12 -15.88 -19.23
CA ARG B 78 -10.40 -14.93 -20.07
C ARG B 78 -11.22 -13.71 -20.44
N SER B 79 -11.86 -13.11 -19.44
CA SER B 79 -12.47 -11.85 -19.75
C SER B 79 -11.87 -10.71 -18.92
N LEU B 80 -10.57 -10.80 -18.52
CA LEU B 80 -9.93 -9.71 -17.73
C LEU B 80 -9.58 -8.59 -18.69
N ALA B 81 -9.51 -7.32 -18.24
CA ALA B 81 -9.01 -6.30 -19.12
C ALA B 81 -7.62 -6.73 -19.57
N SER B 82 -7.28 -6.32 -20.79
CA SER B 82 -5.98 -6.77 -21.35
C SER B 82 -4.74 -6.12 -20.69
N ASP B 83 -4.90 -5.00 -20.02
CA ASP B 83 -3.68 -4.43 -19.36
C ASP B 83 -3.23 -5.39 -18.25
N ILE B 84 -4.19 -6.07 -17.65
CA ILE B 84 -3.88 -7.01 -16.58
C ILE B 84 -3.24 -8.26 -17.15
N THR B 85 -3.83 -8.79 -18.21
CA THR B 85 -3.31 -10.01 -18.77
C THR B 85 -1.95 -9.74 -19.45
N ASP B 86 -1.74 -8.54 -19.98
CA ASP B 86 -0.39 -8.19 -20.46
C ASP B 86 0.66 -8.32 -19.34
N GLU B 87 0.34 -7.78 -18.17
CA GLU B 87 1.30 -7.94 -17.06
C GLU B 87 1.50 -9.37 -16.62
N GLN B 88 0.41 -10.12 -16.61
CA GLN B 88 0.47 -11.53 -16.20
C GLN B 88 1.40 -12.36 -17.08
N LYS B 89 1.38 -12.07 -18.38
CA LYS B 89 2.24 -12.82 -19.31
C LYS B 89 3.70 -12.58 -18.94
N LYS B 90 3.99 -11.31 -18.64
CA LYS B 90 5.36 -10.87 -18.25
C LYS B 90 5.82 -11.64 -16.98
N VAL B 91 4.92 -11.74 -16.02
CA VAL B 91 5.27 -12.39 -14.76
C VAL B 91 5.38 -13.90 -14.99
N ARG B 92 4.44 -14.45 -15.75
CA ARG B 92 4.45 -15.90 -16.04
C ARG B 92 5.75 -16.34 -16.67
N GLU B 93 6.22 -15.54 -17.61
CA GLU B 93 7.46 -15.87 -18.31
C GLU B 93 8.69 -15.63 -17.46
N ALA B 94 8.58 -14.73 -16.48
CA ALA B 94 9.78 -14.35 -15.69
C ALA B 94 10.31 -15.43 -14.75
N ASP B 95 11.64 -15.53 -14.63
CA ASP B 95 12.23 -16.32 -13.59
C ASP B 95 12.49 -15.45 -12.34
N LEU B 96 12.71 -14.15 -12.55
CA LEU B 96 12.99 -13.21 -11.44
C LEU B 96 12.17 -11.95 -11.66
N VAL B 97 11.50 -11.48 -10.61
CA VAL B 97 10.79 -10.21 -10.69
C VAL B 97 11.37 -9.24 -9.69
N ILE B 98 11.82 -8.07 -10.19
CA ILE B 98 12.42 -7.02 -9.39
C ILE B 98 11.48 -5.86 -9.37
N PHE B 99 11.22 -5.30 -8.17
CA PHE B 99 10.33 -4.15 -7.99
C PHE B 99 11.25 -3.05 -7.62
N GLN B 100 11.27 -1.98 -8.42
CA GLN B 100 12.19 -0.88 -8.14
C GLN B 100 11.28 0.28 -7.79
N PHE B 101 11.44 0.87 -6.59
CA PHE B 101 10.50 1.93 -6.15
C PHE B 101 11.02 2.71 -4.97
N PRO B 102 10.59 3.98 -4.88
CA PRO B 102 10.77 4.74 -3.65
C PRO B 102 9.77 4.30 -2.62
N LEU B 103 10.19 4.20 -1.37
CA LEU B 103 9.29 3.95 -0.29
C LEU B 103 8.31 5.12 -0.08
N TYR B 104 7.00 4.83 -0.08
CA TYR B 104 5.95 5.86 0.06
C TYR B 104 5.12 5.38 1.22
N TRP B 105 5.16 6.09 2.35
CA TRP B 105 4.40 5.66 3.52
C TRP B 105 4.65 4.20 3.91
N PHE B 106 5.94 3.84 4.10
CA PHE B 106 6.35 2.51 4.57
C PHE B 106 5.85 1.41 3.61
N SER B 107 5.67 1.73 2.31
CA SER B 107 5.10 0.74 1.42
C SER B 107 5.43 1.14 -0.01
N VAL B 108 4.73 0.55 -0.99
CA VAL B 108 4.95 0.93 -2.40
C VAL B 108 4.07 2.13 -2.78
N PRO B 109 4.52 2.95 -3.76
CA PRO B 109 3.62 3.99 -4.28
C PRO B 109 2.34 3.35 -4.78
N ALA B 110 1.22 4.04 -4.64
CA ALA B 110 -0.09 3.53 -5.06
C ALA B 110 -0.13 2.91 -6.44
N ILE B 111 0.60 3.48 -7.40
CA ILE B 111 0.49 2.95 -8.77
C ILE B 111 1.02 1.52 -8.81
N LEU B 112 2.03 1.23 -7.99
CA LEU B 112 2.55 -0.16 -7.89
C LEU B 112 1.68 -0.99 -6.96
N LYS B 113 1.09 -0.37 -5.93
CA LYS B 113 0.12 -1.21 -5.14
C LYS B 113 -1.00 -1.70 -6.06
N GLY B 114 -1.42 -0.83 -6.97
CA GLY B 114 -2.49 -1.21 -7.93
C GLY B 114 -2.10 -2.35 -8.87
N TRP B 115 -0.83 -2.35 -9.28
CA TRP B 115 -0.27 -3.45 -10.00
C TRP B 115 -0.40 -4.72 -9.16
N MET B 116 0.00 -4.72 -7.88
CA MET B 116 -0.17 -5.96 -7.13
CA MET B 116 -0.19 -5.90 -7.01
C MET B 116 -1.66 -6.30 -6.97
N ASP B 117 -2.52 -5.32 -6.65
CA ASP B 117 -3.95 -5.66 -6.41
C ASP B 117 -4.60 -6.29 -7.66
N ARG B 118 -4.29 -5.77 -8.83
CA ARG B 118 -5.00 -6.12 -10.06
C ARG B 118 -4.33 -7.28 -10.81
N VAL B 119 -3.01 -7.34 -10.77
CA VAL B 119 -2.34 -8.35 -11.57
C VAL B 119 -2.29 -9.72 -10.88
N LEU B 120 -2.13 -9.73 -9.56
CA LEU B 120 -1.94 -10.97 -8.83
C LEU B 120 -3.25 -11.52 -8.38
N CYS B 121 -4.11 -11.87 -9.32
CA CYS B 121 -5.47 -12.28 -9.00
C CYS B 121 -5.52 -13.77 -8.70
N GLN B 122 -6.63 -14.21 -8.08
CA GLN B 122 -6.82 -15.59 -7.78
C GLN B 122 -6.99 -16.34 -9.11
N GLY B 123 -6.52 -17.58 -9.19
CA GLY B 123 -6.47 -18.21 -10.54
C GLY B 123 -5.07 -18.07 -11.14
N PHE B 124 -4.51 -16.86 -11.00
CA PHE B 124 -3.19 -16.63 -11.57
C PHE B 124 -2.02 -16.76 -10.59
N ALA B 125 -2.06 -15.97 -9.52
CA ALA B 125 -0.94 -15.88 -8.61
C ALA B 125 -1.10 -16.84 -7.41
N PHE B 126 -2.36 -17.19 -7.11
CA PHE B 126 -2.69 -18.03 -5.97
C PHE B 126 -4.07 -18.63 -6.17
N ASP B 127 -4.35 -19.68 -5.41
N ASP B 127 -4.31 -19.72 -5.44
CA ASP B 127 -5.71 -20.21 -5.31
CA ASP B 127 -5.58 -20.45 -5.40
C ASP B 127 -5.92 -20.58 -3.87
C ASP B 127 -5.90 -20.68 -3.92
N ILE B 128 -7.15 -21.01 -3.61
CA ILE B 128 -7.54 -21.40 -2.23
C ILE B 128 -8.09 -22.80 -2.34
N PRO B 129 -7.28 -23.82 -1.97
CA PRO B 129 -5.91 -23.76 -1.41
C PRO B 129 -4.88 -23.57 -2.52
N GLY B 130 -3.65 -23.15 -2.15
CA GLY B 130 -2.62 -22.85 -3.14
C GLY B 130 -1.98 -21.49 -2.89
N PHE B 131 -1.43 -21.33 -1.71
CA PHE B 131 -0.79 -20.07 -1.37
C PHE B 131 0.41 -20.32 -0.47
N TYR B 132 1.11 -19.25 -0.09
CA TYR B 132 2.44 -19.27 0.53
C TYR B 132 3.27 -20.32 -0.19
N ASP B 133 3.67 -21.39 0.50
CA ASP B 133 4.59 -22.33 -0.15
C ASP B 133 3.95 -23.09 -1.29
N SER B 134 2.63 -23.11 -1.32
CA SER B 134 1.88 -23.69 -2.47
C SER B 134 1.40 -22.60 -3.48
N GLY B 135 1.81 -21.34 -3.30
CA GLY B 135 1.49 -20.29 -4.29
C GLY B 135 1.70 -20.67 -5.76
N LEU B 136 0.92 -20.08 -6.68
CA LEU B 136 1.03 -20.46 -8.05
C LEU B 136 2.28 -19.91 -8.72
N LEU B 137 2.95 -18.96 -8.09
CA LEU B 137 4.19 -18.47 -8.68
C LEU B 137 5.40 -19.20 -8.07
N GLN B 138 5.16 -20.35 -7.41
CA GLN B 138 6.32 -21.16 -6.93
C GLN B 138 7.35 -21.36 -8.03
N GLY B 139 8.60 -21.37 -7.61
CA GLY B 139 9.73 -21.48 -8.53
C GLY B 139 10.27 -20.17 -9.09
N LYS B 140 9.56 -19.04 -8.87
CA LYS B 140 10.05 -17.74 -9.31
C LYS B 140 10.67 -17.07 -8.12
N LEU B 141 11.57 -16.15 -8.40
CA LEU B 141 12.23 -15.34 -7.41
C LEU B 141 11.63 -13.92 -7.50
N ALA B 142 11.61 -13.20 -6.40
CA ALA B 142 11.27 -11.79 -6.37
C ALA B 142 12.23 -11.07 -5.46
N LEU B 143 12.41 -9.78 -5.70
CA LEU B 143 13.31 -8.95 -4.93
C LEU B 143 12.80 -7.52 -4.90
N LEU B 144 12.74 -6.90 -3.72
CA LEU B 144 12.37 -5.47 -3.56
C LEU B 144 13.63 -4.60 -3.56
N SER B 145 13.72 -3.68 -4.51
CA SER B 145 14.82 -2.77 -4.51
C SER B 145 14.21 -1.42 -4.20
N VAL B 146 14.39 -0.99 -2.95
CA VAL B 146 13.62 0.08 -2.34
C VAL B 146 14.55 1.24 -2.06
N THR B 147 14.14 2.47 -2.38
CA THR B 147 14.92 3.63 -1.93
C THR B 147 14.16 4.36 -0.80
N THR B 148 14.88 5.01 0.11
CA THR B 148 14.20 5.72 1.21
C THR B 148 14.54 7.23 1.33
N GLY B 149 13.69 7.99 2.01
CA GLY B 149 14.03 9.31 2.55
C GLY B 149 14.88 9.17 3.81
N GLY B 150 14.53 8.22 4.68
CA GLY B 150 15.19 7.96 5.98
C GLY B 150 16.56 7.28 5.82
N THR B 151 17.45 7.48 6.80
CA THR B 151 18.79 6.88 6.73
C THR B 151 18.74 5.45 7.32
N ALA B 152 19.76 4.62 7.04
CA ALA B 152 19.95 3.34 7.71
C ALA B 152 19.67 3.46 9.19
N GLU B 153 20.28 4.48 9.80
CA GLU B 153 20.18 4.70 11.24
C GLU B 153 18.75 4.91 11.70
N MET B 154 18.02 5.74 10.94
CA MET B 154 16.59 5.96 11.24
C MET B 154 15.76 4.68 11.15
N TYR B 155 16.19 3.74 10.31
CA TYR B 155 15.50 2.44 10.15
C TYR B 155 16.14 1.28 10.92
N THR B 156 16.39 1.50 12.20
CA THR B 156 16.94 0.45 13.07
C THR B 156 15.92 0.32 14.16
N LYS B 157 15.96 -0.76 14.93
CA LYS B 157 15.00 -0.98 16.00
C LYS B 157 14.93 0.18 17.02
N THR B 158 16.03 0.90 17.23
CA THR B 158 15.99 1.98 18.22
C THR B 158 15.90 3.38 17.56
N GLY B 159 15.92 3.42 16.21
CA GLY B 159 15.71 4.68 15.44
C GLY B 159 14.23 5.08 15.38
N VAL B 160 13.95 6.28 14.83
CA VAL B 160 12.57 6.83 14.77
C VAL B 160 11.53 5.87 14.12
N ASN B 161 11.94 5.30 12.99
CA ASN B 161 11.05 4.50 12.15
C ASN B 161 10.97 3.02 12.47
N GLY B 162 11.81 2.56 13.41
CA GLY B 162 11.87 1.13 13.68
C GLY B 162 12.69 0.43 12.58
N ASP B 163 12.92 -0.87 12.77
CA ASP B 163 13.76 -1.61 11.83
C ASP B 163 13.15 -1.59 10.43
N SER B 164 14.00 -1.47 9.42
CA SER B 164 13.63 -1.56 7.99
C SER B 164 12.80 -2.81 7.70
N ARG B 165 13.19 -3.93 8.29
CA ARG B 165 12.44 -5.20 8.03
C ARG B 165 10.95 -5.20 8.46
N TYR B 166 10.59 -4.40 9.47
CA TYR B 166 9.18 -4.29 9.84
C TYR B 166 8.23 -3.90 8.66
N PHE B 167 8.60 -2.89 7.87
CA PHE B 167 7.73 -2.42 6.75
C PHE B 167 7.78 -3.34 5.52
N LEU B 168 8.75 -4.27 5.52
CA LEU B 168 8.88 -5.21 4.42
C LEU B 168 7.84 -6.32 4.56
N TRP B 169 7.32 -6.57 5.79
CA TRP B 169 6.38 -7.70 5.97
C TRP B 169 5.16 -7.85 4.98
N PRO B 170 4.36 -6.78 4.82
CA PRO B 170 3.18 -6.94 3.98
C PRO B 170 3.53 -7.22 2.53
N LEU B 171 4.72 -6.78 2.12
CA LEU B 171 5.14 -6.88 0.72
C LEU B 171 5.86 -8.22 0.53
N GLN B 172 6.91 -8.51 1.33
CA GLN B 172 7.59 -9.79 1.23
C GLN B 172 6.76 -11.00 1.59
N HIS B 173 6.06 -10.94 2.73
CA HIS B 173 5.32 -12.09 3.20
C HIS B 173 3.87 -12.07 2.71
N GLY B 174 3.18 -10.97 2.98
CA GLY B 174 1.72 -10.96 2.72
C GLY B 174 1.44 -10.99 1.21
N THR B 175 2.39 -10.55 0.41
CA THR B 175 2.14 -10.56 -1.03
C THR B 175 3.03 -11.56 -1.79
N LEU B 176 4.35 -11.43 -1.74
CA LEU B 176 5.18 -12.23 -2.61
C LEU B 176 5.21 -13.67 -2.15
N HIS B 177 5.62 -13.93 -0.90
CA HIS B 177 5.55 -15.26 -0.36
C HIS B 177 4.17 -15.88 -0.55
N PHE B 178 3.10 -15.13 -0.26
CA PHE B 178 1.74 -15.64 -0.38
C PHE B 178 1.51 -16.22 -1.76
N CYS B 179 2.09 -15.58 -2.78
CA CYS B 179 1.94 -16.01 -4.17
C CYS B 179 2.92 -17.09 -4.55
N GLY B 180 3.77 -17.50 -3.58
CA GLY B 180 4.69 -18.60 -3.84
C GLY B 180 6.09 -18.18 -4.23
N PHE B 181 6.37 -16.88 -4.35
CA PHE B 181 7.70 -16.50 -4.78
C PHE B 181 8.64 -16.88 -3.65
N LYS B 182 9.85 -17.29 -4.03
CA LYS B 182 10.95 -17.23 -3.09
C LYS B 182 11.47 -15.81 -3.13
N VAL B 183 11.61 -15.20 -1.97
CA VAL B 183 12.06 -13.81 -1.85
C VAL B 183 13.58 -13.68 -1.58
N LEU B 184 14.27 -12.95 -2.45
CA LEU B 184 15.67 -12.60 -2.28
C LEU B 184 15.76 -11.43 -1.29
N ALA B 185 16.90 -11.30 -0.65
CA ALA B 185 17.07 -10.19 0.25
C ALA B 185 16.80 -8.87 -0.45
N PRO B 186 16.19 -7.89 0.28
CA PRO B 186 15.84 -6.61 -0.27
C PRO B 186 17.12 -5.83 -0.52
N GLN B 187 17.14 -5.06 -1.61
CA GLN B 187 18.20 -4.09 -1.80
C GLN B 187 17.64 -2.77 -1.26
N ILE B 188 18.17 -2.24 -0.15
CA ILE B 188 17.67 -0.94 0.28
C ILE B 188 18.76 0.05 0.15
N SER B 189 18.48 1.03 -0.70
CA SER B 189 19.31 2.17 -0.91
C SER B 189 18.86 3.36 -0.06
N PHE B 190 19.54 3.59 1.07
CA PHE B 190 19.02 4.55 2.09
C PHE B 190 19.40 5.95 1.70
N ALA B 191 18.38 6.81 1.72
CA ALA B 191 18.52 8.25 1.77
C ALA B 191 19.45 8.85 0.72
N PRO B 192 19.21 8.53 -0.57
CA PRO B 192 20.06 9.12 -1.59
C PRO B 192 20.02 10.65 -1.70
N GLU B 193 18.88 11.27 -1.37
CA GLU B 193 18.73 12.74 -1.42
C GLU B 193 19.70 13.39 -0.43
N ILE B 194 19.96 12.74 0.70
CA ILE B 194 20.88 13.23 1.73
C ILE B 194 22.37 12.93 1.38
N ALA B 195 22.62 11.72 0.87
CA ALA B 195 23.96 11.23 0.54
C ALA B 195 24.79 12.12 -0.42
N SER B 196 26.13 11.98 -0.35
CA SER B 196 27.00 12.73 -1.28
C SER B 196 27.05 12.11 -2.67
N GLU B 197 27.64 12.83 -3.61
CA GLU B 197 27.78 12.31 -4.97
C GLU B 197 28.43 10.93 -4.94
N GLU B 198 29.56 10.81 -4.21
CA GLU B 198 30.37 9.57 -4.12
C GLU B 198 29.53 8.46 -3.48
N GLU B 199 28.76 8.82 -2.47
CA GLU B 199 27.95 7.84 -1.78
C GLU B 199 26.83 7.30 -2.69
N ARG B 200 26.20 8.18 -3.45
CA ARG B 200 25.16 7.78 -4.42
C ARG B 200 25.73 6.86 -5.50
N LYS B 201 26.85 7.25 -6.14
CA LYS B 201 27.52 6.42 -7.15
C LYS B 201 27.86 5.09 -6.53
N GLY B 202 28.28 5.12 -5.28
CA GLY B 202 28.57 3.94 -4.53
C GLY B 202 27.36 3.01 -4.39
N MET B 203 26.19 3.60 -4.08
CA MET B 203 24.98 2.80 -3.91
C MET B 203 24.53 2.16 -5.23
N VAL B 204 24.66 2.88 -6.34
CA VAL B 204 24.35 2.34 -7.68
C VAL B 204 25.27 1.18 -8.06
N ALA B 205 26.57 1.39 -7.90
CA ALA B 205 27.51 0.31 -8.16
C ALA B 205 27.40 -0.86 -7.17
N ALA B 206 26.97 -0.65 -5.91
CA ALA B 206 26.78 -1.83 -5.07
C ALA B 206 25.61 -2.73 -5.61
N TRP B 207 24.58 -2.09 -6.18
CA TRP B 207 23.46 -2.85 -6.77
C TRP B 207 23.92 -3.57 -8.04
N SER B 208 24.60 -2.84 -8.92
CA SER B 208 25.23 -3.44 -10.10
C SER B 208 26.10 -4.61 -9.69
N GLN B 209 26.97 -4.38 -8.72
CA GLN B 209 27.86 -5.46 -8.26
C GLN B 209 27.06 -6.64 -7.70
N ARG B 210 26.04 -6.37 -6.87
CA ARG B 210 25.21 -7.46 -6.38
C ARG B 210 24.56 -8.27 -7.53
N LEU B 211 24.09 -7.59 -8.57
CA LEU B 211 23.37 -8.30 -9.67
C LEU B 211 24.29 -9.30 -10.40
N GLN B 212 25.59 -9.00 -10.39
CA GLN B 212 26.59 -9.90 -10.98
C GLN B 212 26.45 -11.33 -10.45
N THR B 213 26.05 -11.50 -9.19
CA THR B 213 25.97 -12.82 -8.59
C THR B 213 24.58 -13.17 -8.05
N ILE B 214 23.54 -12.47 -8.53
CA ILE B 214 22.16 -12.73 -8.07
C ILE B 214 21.69 -14.17 -8.25
N TRP B 215 22.13 -14.83 -9.32
CA TRP B 215 21.64 -16.18 -9.60
C TRP B 215 22.19 -17.18 -8.62
N LYS B 216 23.19 -16.77 -7.87
CA LYS B 216 23.81 -17.61 -6.86
C LYS B 216 23.25 -17.41 -5.45
N GLU B 217 22.40 -16.39 -5.23
CA GLU B 217 21.85 -16.13 -3.88
C GLU B 217 20.81 -17.18 -3.43
N GLU B 218 20.69 -17.44 -2.11
CA GLU B 218 19.58 -18.16 -1.58
C GLU B 218 18.52 -17.15 -1.21
N PRO B 219 17.25 -17.56 -1.21
CA PRO B 219 16.23 -16.61 -0.73
C PRO B 219 16.34 -16.38 0.82
N ILE B 220 15.66 -15.35 1.34
CA ILE B 220 15.53 -15.21 2.80
C ILE B 220 14.52 -16.25 3.33
N PRO B 221 14.65 -16.64 4.60
CA PRO B 221 13.56 -17.37 5.23
C PRO B 221 12.44 -16.33 5.48
N CYS B 222 11.37 -16.35 4.69
CA CYS B 222 10.41 -15.23 4.75
C CYS B 222 9.44 -15.49 5.91
N THR B 223 9.89 -15.25 7.14
CA THR B 223 9.04 -15.67 8.28
C THR B 223 8.90 -14.49 9.23
N ALA B 224 7.98 -14.58 10.19
CA ALA B 224 7.89 -13.59 11.30
C ALA B 224 9.26 -13.39 12.02
N HIS B 225 10.00 -14.47 12.25
CA HIS B 225 11.28 -14.32 12.96
C HIS B 225 12.29 -13.48 12.14
N TRP B 226 12.38 -13.72 10.83
CA TRP B 226 13.31 -12.93 9.98
C TRP B 226 12.91 -11.48 10.10
N HIS B 227 11.61 -11.23 10.10
CA HIS B 227 11.12 -9.86 10.00
C HIS B 227 11.20 -9.06 11.32
N PHE B 228 10.86 -9.73 12.40
CA PHE B 228 10.68 -9.07 13.70
C PHE B 228 11.62 -9.58 14.82
N GLY B 229 12.38 -10.66 14.59
CA GLY B 229 13.33 -11.18 15.60
C GLY B 229 12.74 -11.87 16.84
N GLN B 230 13.39 -11.79 18.03
CA GLN B 230 14.68 -11.02 18.34
C GLN B 230 14.59 -9.59 18.95
ZN ZN C . 3.27 4.74 16.19
C1 VVV D . -7.18 -13.35 0.03
C2 VVV D . -6.96 -13.95 1.37
C3 VVV D . -5.68 -13.76 2.02
C4 VVV D . -4.58 -13.02 1.37
C5 VVV D . -4.81 -12.49 0.11
C6 VVV D . -6.05 -12.63 -0.56
C7 VVV D . -8.00 -14.77 2.09
C8 VVV D . -7.70 -15.26 3.36
C9 VVV D . -6.40 -14.99 3.87
N10 VVV D . -5.47 -14.28 3.22
O11 VVV D . -8.31 -13.48 -0.74
C12 VVV D . -9.70 -13.70 -0.46
O13 VVV D . -6.25 -12.10 -1.78
C14 VVV D . -5.12 -11.57 -2.44
C15 VVV D . -9.33 -14.97 1.45
O16 VVV D . -6.04 -15.40 5.02
O17 VVV D . -3.42 -12.89 2.11
C18 VVV D . -2.30 -12.12 1.68
PA FAD E . -18.77 -8.45 0.98
O1A FAD E . -18.57 -9.58 -0.01
O2A FAD E . -19.25 -7.24 0.23
O5B FAD E . -19.73 -8.90 2.19
C5B FAD E . -19.97 -10.23 2.56
C4B FAD E . -21.49 -10.41 2.58
O4B FAD E . -22.13 -9.43 3.38
C3B FAD E . -22.12 -10.25 1.21
O3B FAD E . -22.91 -11.40 1.05
C2B FAD E . -22.96 -8.98 1.30
O2B FAD E . -24.05 -8.88 0.41
C1B FAD E . -23.34 -9.06 2.75
N9A FAD E . -23.71 -7.82 3.47
C8A FAD E . -23.52 -6.49 3.17
N7A FAD E . -24.01 -5.77 4.21
C5A FAD E . -24.52 -6.60 5.16
C6A FAD E . -25.17 -6.44 6.41
N6A FAD E . -25.44 -5.25 6.95
N1A FAD E . -25.54 -7.57 7.12
C2A FAD E . -25.33 -8.84 6.62
N3A FAD E . -24.71 -9.00 5.40
C4A FAD E . -24.31 -7.90 4.69
N1 FAD E . -7.91 -10.77 2.66
C2 FAD E . -7.02 -10.96 3.62
O2 FAD E . -7.42 -11.48 4.66
N3 FAD E . -5.70 -10.56 3.47
C4 FAD E . -5.29 -9.95 2.32
O4 FAD E . -4.14 -9.54 2.24
C4X FAD E . -6.19 -9.80 1.29
N5 FAD E . -5.85 -9.21 0.10
C5X FAD E . -6.81 -9.02 -0.90
C6 FAD E . -6.44 -8.42 -2.12
C7 FAD E . -7.40 -8.23 -3.12
C7M FAD E . -6.93 -7.56 -4.39
C8 FAD E . -8.74 -8.65 -2.92
C8M FAD E . -9.83 -8.43 -3.99
C9 FAD E . -9.09 -9.25 -1.71
C9A FAD E . -8.13 -9.44 -0.69
N10 FAD E . -8.47 -10.02 0.51
C10 FAD E . -7.51 -10.20 1.50
C1' FAD E . -9.88 -10.44 0.83
C2' FAD E . -10.69 -9.16 1.18
O2' FAD E . -10.07 -8.46 2.24
C3' FAD E . -12.15 -9.55 1.49
O3' FAD E . -12.67 -9.91 0.21
C4' FAD E . -13.06 -8.42 1.96
O4' FAD E . -12.57 -7.81 3.13
C5' FAD E . -14.57 -8.80 2.12
O5' FAD E . -15.30 -7.62 2.61
P FAD E . -16.43 -7.05 1.65
O1P FAD E . -16.00 -6.84 0.20
O2P FAD E . -17.04 -5.75 2.20
O3P FAD E . -17.43 -8.31 1.83
ZN ZN F . 6.94 -15.14 4.27
C1 VVV G . 9.43 11.06 4.27
C2 VVV G . 10.41 10.53 5.23
C3 VVV G . 9.91 9.56 6.19
C4 VVV G . 8.49 9.15 6.22
C5 VVV G . 7.59 9.70 5.33
C6 VVV G . 8.01 10.63 4.38
C7 VVV G . 11.84 10.89 5.25
C8 VVV G . 12.64 10.26 6.21
C9 VVV G . 12.04 9.31 7.09
N10 VVV G . 10.73 9.02 7.07
O11 VVV G . 9.81 12.01 3.35
C12 VVV G . 9.72 13.36 3.78
O13 VVV G . 7.09 11.14 3.51
C14 VVV G . 5.72 11.14 3.85
C15 VVV G . 12.37 11.90 4.28
O16 VVV G . 12.67 8.68 7.97
O17 VVV G . 8.12 8.25 7.14
C18 VVV G . 6.75 7.82 7.17
PA FAD H . 16.12 11.34 -6.25
O1A FAD H . 15.75 11.13 -7.67
O2A FAD H . 15.60 12.66 -5.67
O5B FAD H . 17.74 11.27 -6.18
C5B FAD H . 18.55 11.92 -5.22
C4B FAD H . 19.73 12.45 -6.03
O4B FAD H . 20.37 11.35 -6.64
C3B FAD H . 19.30 13.38 -7.19
O3B FAD H . 20.09 14.55 -7.23
C2B FAD H . 19.55 12.60 -8.44
O2B FAD H . 20.05 13.41 -9.48
C1B FAD H . 20.68 11.75 -7.96
N9A FAD H . 20.98 10.68 -8.92
C8A FAD H . 20.19 10.18 -9.93
N7A FAD H . 20.91 9.23 -10.58
C5A FAD H . 22.15 9.11 -10.01
C6A FAD H . 23.29 8.34 -10.28
N6A FAD H . 23.38 7.43 -11.26
N1A FAD H . 24.40 8.52 -9.50
C2A FAD H . 24.44 9.45 -8.47
N3A FAD H . 23.30 10.20 -8.22
C4A FAD H . 22.19 10.04 -8.97
N1 FAD H . 10.74 8.04 2.87
C2 FAD H . 10.89 7.20 3.93
O2 FAD H . 12.03 6.98 4.38
N3 FAD H . 9.76 6.59 4.46
C4 FAD H . 8.51 6.90 3.88
O4 FAD H . 7.54 6.38 4.31
C4X FAD H . 8.37 7.77 2.82
N5 FAD H . 7.15 8.06 2.28
C5X FAD H . 7.05 8.91 1.19
C6 FAD H . 5.79 9.18 0.68
C7 FAD H . 5.69 10.06 -0.40
C7M FAD H . 4.33 10.32 -0.99
C8 FAD H . 6.84 10.64 -0.97
C8M FAD H . 6.79 11.55 -2.16
C9 FAD H . 8.08 10.35 -0.42
C9A FAD H . 8.18 9.51 0.68
N10 FAD H . 9.43 9.19 1.23
C10 FAD H . 9.51 8.34 2.31
C1' FAD H . 10.69 9.74 0.68
C2' FAD H . 11.02 8.87 -0.59
O2' FAD H . 11.15 7.47 -0.34
C3' FAD H . 12.33 9.28 -1.21
O3' FAD H . 12.22 10.64 -1.56
C4' FAD H . 12.80 8.42 -2.42
O4' FAD H . 13.15 7.17 -1.88
C5' FAD H . 14.14 8.84 -2.98
O5' FAD H . 14.42 8.19 -4.23
P FAD H . 14.46 9.08 -5.55
O1P FAD H . 14.72 8.34 -6.82
O2P FAD H . 13.17 9.86 -5.74
O3P FAD H . 15.72 10.12 -5.26
#